data_3ECY
#
_entry.id   3ECY
#
_cell.length_a   42.799
_cell.length_b   42.799
_cell.length_c   169.384
_cell.angle_alpha   90.00
_cell.angle_beta   90.00
_cell.angle_gamma   90.00
#
_symmetry.space_group_name_H-M   'P 41'
#
loop_
_entity.id
_entity.type
_entity.pdbx_description
1 polymer 'CG4584-PA, isoform A (BcDNA.LD08534)'
2 water water
#
_entity_poly.entity_id   1
_entity_poly.type   'polypeptide(L)'
_entity_poly.pdbx_seq_one_letter_code
;MPSTDFADIPAAKKMKIDTCVLRFAKLTENALEPVRGSAKAAGVDLRSAYDVVVPARGKAIVKTDLQVQVPEGSYGRVAP
RSGLAVKNFIDVGAGVVDEDYRGNLGVVLFNHSDVDFEVKHGDRIAQFICERIFYPQLVMVDKLEDTERGEAGFGSTGVK
;
_entity_poly.pdbx_strand_id   A,B
#
# COMPACT_ATOMS: atom_id res chain seq x y z
N THR A 19 -1.40 -24.73 1.63
CA THR A 19 -0.86 -24.51 3.01
C THR A 19 -0.70 -23.00 3.23
N CYS A 20 -1.67 -22.42 3.93
CA CYS A 20 -1.58 -21.01 4.26
C CYS A 20 -0.74 -20.74 5.52
N VAL A 21 0.59 -20.66 5.34
CA VAL A 21 1.54 -20.54 6.46
C VAL A 21 2.50 -19.37 6.20
N LEU A 22 2.56 -18.46 7.16
CA LEU A 22 3.58 -17.46 7.21
C LEU A 22 4.78 -17.96 8.02
N ARG A 23 5.98 -17.93 7.41
CA ARG A 23 7.22 -18.38 8.09
C ARG A 23 8.21 -17.24 8.25
N PHE A 24 8.84 -17.15 9.42
CA PHE A 24 9.97 -16.29 9.62
C PHE A 24 11.17 -17.08 10.04
N ALA A 25 12.35 -16.52 9.78
CA ALA A 25 13.63 -17.19 10.11
C ALA A 25 14.62 -16.16 10.62
N LYS A 26 15.16 -16.39 11.80
CA LYS A 26 16.15 -15.54 12.42
C LYS A 26 17.47 -15.70 11.71
N LEU A 27 18.03 -14.55 11.27
CA LEU A 27 19.36 -14.54 10.61
C LEU A 27 20.50 -14.50 11.65
N THR A 28 20.20 -13.92 12.82
CA THR A 28 21.06 -13.96 13.99
C THR A 28 20.22 -14.07 15.29
N GLU A 29 20.93 -14.27 16.40
CA GLU A 29 20.34 -14.35 17.73
C GLU A 29 19.77 -13.03 18.22
N ASN A 30 20.03 -11.96 17.48
CA ASN A 30 19.50 -10.64 17.84
C ASN A 30 18.05 -10.48 17.45
N ALA A 31 17.58 -11.29 16.49
CA ALA A 31 16.18 -11.16 15.99
C ALA A 31 15.20 -11.50 17.07
N LEU A 32 14.01 -10.88 17.03
CA LEU A 32 12.90 -11.29 17.87
C LEU A 32 11.76 -11.92 17.05
N GLU A 33 10.97 -12.77 17.69
CA GLU A 33 9.81 -13.36 17.07
CA GLU A 33 9.91 -13.34 17.00
C GLU A 33 8.80 -12.20 16.92
N PRO A 34 7.88 -12.32 15.97
CA PRO A 34 6.74 -11.41 15.88
C PRO A 34 5.48 -12.09 16.39
N VAL A 35 4.97 -11.77 17.58
CA VAL A 35 4.58 -10.42 18.00
C VAL A 35 3.29 -9.78 17.51
N ARG A 36 2.18 -10.48 17.62
CA ARG A 36 0.90 -9.81 17.43
C ARG A 36 0.57 -8.87 18.58
N GLY A 37 0.20 -7.64 18.24
CA GLY A 37 0.15 -6.55 19.21
C GLY A 37 -1.07 -6.57 20.12
N SER A 38 -2.14 -7.15 19.60
CA SER A 38 -3.44 -7.13 20.25
C SER A 38 -4.34 -8.11 19.50
N ALA A 39 -5.38 -8.59 20.17
CA ALA A 39 -6.36 -9.52 19.61
C ALA A 39 -6.99 -9.00 18.32
N LYS A 40 -7.09 -7.67 18.24
CA LYS A 40 -7.74 -7.00 17.11
C LYS A 40 -6.79 -6.58 15.96
N ALA A 41 -5.47 -6.69 16.17
CA ALA A 41 -4.47 -6.19 15.25
C ALA A 41 -4.52 -6.83 13.86
N ALA A 42 -4.14 -6.08 12.84
CA ALA A 42 -4.21 -6.56 11.47
C ALA A 42 -3.05 -7.52 11.11
N GLY A 43 -1.97 -7.42 11.87
CA GLY A 43 -0.72 -8.10 11.56
C GLY A 43 0.15 -8.38 12.80
N VAL A 44 1.39 -8.78 12.61
CA VAL A 44 2.26 -9.03 13.77
C VAL A 44 3.24 -7.89 13.80
N ASP A 45 3.69 -7.49 14.99
CA ASP A 45 4.64 -6.38 15.09
C ASP A 45 6.04 -6.87 14.89
N LEU A 46 6.80 -6.12 14.13
CA LEU A 46 8.20 -6.37 13.97
C LEU A 46 9.01 -5.55 14.95
N ARG A 47 10.12 -6.11 15.43
CA ARG A 47 10.92 -5.46 16.43
C ARG A 47 12.37 -5.34 15.98
N SER A 48 12.99 -4.24 16.44
CA SER A 48 14.42 -3.95 16.11
C SER A 48 15.32 -4.98 16.75
N ALA A 49 16.19 -5.58 15.95
CA ALA A 49 17.24 -6.49 16.43
C ALA A 49 18.38 -5.80 17.17
N TYR A 50 18.69 -4.53 16.82
CA TYR A 50 19.81 -3.82 17.43
C TYR A 50 19.38 -2.50 18.06
N ASP A 51 20.27 -1.93 18.87
CA ASP A 51 20.03 -0.55 19.32
C ASP A 51 20.55 0.33 18.19
N VAL A 52 19.70 1.22 17.70
CA VAL A 52 20.05 2.07 16.55
C VAL A 52 19.69 3.52 16.88
N VAL A 53 20.67 4.40 16.70
CA VAL A 53 20.42 5.84 16.89
C VAL A 53 20.11 6.38 15.52
N VAL A 54 18.99 7.05 15.39
CA VAL A 54 18.66 7.78 14.17
C VAL A 54 19.02 9.22 14.39
N PRO A 55 20.07 9.71 13.70
CA PRO A 55 20.52 11.04 14.06
C PRO A 55 19.47 12.09 13.76
N ALA A 56 19.56 13.20 14.49
CA ALA A 56 18.75 14.34 14.24
C ALA A 56 18.89 14.74 12.75
N ARG A 57 17.71 14.93 12.16
CA ARG A 57 17.57 15.40 10.78
CA ARG A 57 17.53 15.39 10.78
C ARG A 57 18.12 14.38 9.80
N GLY A 58 18.26 13.13 10.27
CA GLY A 58 18.99 12.10 9.54
C GLY A 58 18.10 10.90 9.38
N LYS A 59 18.69 9.79 8.92
CA LYS A 59 17.93 8.57 8.69
C LYS A 59 18.75 7.33 8.96
N ALA A 60 18.08 6.19 9.13
CA ALA A 60 18.81 4.94 9.47
C ALA A 60 18.02 3.74 8.97
N ILE A 61 18.65 2.65 8.58
CA ILE A 61 17.86 1.47 8.24
C ILE A 61 17.89 0.66 9.52
N VAL A 62 16.73 0.19 9.97
CA VAL A 62 16.58 -0.55 11.26
C VAL A 62 16.18 -1.97 10.88
N LYS A 63 17.10 -2.90 11.10
CA LYS A 63 16.90 -4.29 10.70
C LYS A 63 16.21 -5.12 11.78
N THR A 64 15.45 -6.13 11.36
CA THR A 64 14.89 -7.12 12.29
C THR A 64 15.77 -8.35 12.34
N ASP A 65 16.68 -8.52 11.40
CA ASP A 65 17.38 -9.82 11.27
C ASP A 65 16.45 -11.05 11.10
N LEU A 66 15.27 -10.81 10.49
CA LEU A 66 14.36 -11.88 10.05
C LEU A 66 14.30 -11.91 8.55
N GLN A 67 14.33 -13.13 7.98
CA GLN A 67 13.82 -13.38 6.65
C GLN A 67 12.34 -13.83 6.79
N VAL A 68 11.53 -13.60 5.79
CA VAL A 68 10.12 -14.01 5.82
C VAL A 68 9.80 -14.68 4.50
N GLN A 69 9.01 -15.75 4.59
CA GLN A 69 8.40 -16.31 3.45
C GLN A 69 6.90 -16.17 3.63
N VAL A 70 6.30 -15.27 2.89
CA VAL A 70 4.85 -15.13 2.90
C VAL A 70 4.21 -16.29 2.17
N PRO A 71 2.93 -16.58 2.47
CA PRO A 71 2.28 -17.68 1.78
C PRO A 71 2.24 -17.45 0.28
N GLU A 72 2.24 -18.53 -0.50
CA GLU A 72 2.22 -18.49 -1.95
C GLU A 72 1.07 -17.64 -2.42
N GLY A 73 1.38 -16.75 -3.34
CA GLY A 73 0.38 -15.92 -3.96
C GLY A 73 -0.08 -14.78 -3.09
N SER A 74 0.66 -14.45 -2.05
CA SER A 74 0.26 -13.30 -1.22
C SER A 74 1.41 -12.30 -1.07
N TYR A 75 1.13 -11.16 -0.44
CA TYR A 75 2.10 -10.10 -0.21
C TYR A 75 2.10 -9.78 1.28
N GLY A 76 3.23 -9.31 1.76
CA GLY A 76 3.34 -8.83 3.16
C GLY A 76 3.77 -7.40 3.11
N ARG A 77 2.99 -6.57 3.80
CA ARG A 77 3.18 -5.16 3.80
C ARG A 77 3.72 -4.72 5.16
N VAL A 78 4.76 -3.95 5.09
CA VAL A 78 5.46 -3.49 6.26
C VAL A 78 4.85 -2.16 6.52
N ALA A 79 4.02 -2.06 7.55
CA ALA A 79 3.30 -0.87 7.82
C ALA A 79 3.78 -0.29 9.15
N PRO A 80 3.94 1.04 9.22
CA PRO A 80 3.90 1.80 10.49
C PRO A 80 3.01 1.13 11.57
N ARG A 81 3.51 0.97 12.80
CA ARG A 81 2.83 0.17 13.82
C ARG A 81 1.83 1.01 14.64
N PHE A 89 7.91 14.04 14.05
CA PHE A 89 8.67 13.00 14.74
C PHE A 89 9.42 12.13 13.70
N ILE A 90 9.17 10.82 13.77
CA ILE A 90 9.86 9.77 13.01
C ILE A 90 8.97 9.15 11.90
N ASP A 91 9.27 9.46 10.62
CA ASP A 91 8.62 8.80 9.49
C ASP A 91 9.25 7.41 9.21
N VAL A 92 8.41 6.36 9.12
CA VAL A 92 8.83 5.01 8.64
C VAL A 92 8.49 4.75 7.14
N GLY A 93 9.49 4.48 6.29
CA GLY A 93 9.24 3.90 4.95
C GLY A 93 9.49 2.38 5.03
N ALA A 94 8.54 1.49 4.76
CA ALA A 94 7.35 1.55 3.88
C ALA A 94 7.70 0.66 2.64
N GLY A 95 7.18 -0.58 2.66
CA GLY A 95 7.58 -1.62 1.72
C GLY A 95 6.58 -2.77 1.68
N VAL A 96 6.57 -3.48 0.56
CA VAL A 96 5.74 -4.63 0.38
C VAL A 96 6.69 -5.70 -0.11
N VAL A 97 6.42 -6.95 0.25
CA VAL A 97 7.34 -8.03 -0.17
C VAL A 97 6.48 -9.12 -0.75
N ASP A 98 7.05 -9.93 -1.59
CA ASP A 98 6.29 -11.05 -2.07
C ASP A 98 6.99 -12.34 -1.67
N GLU A 99 6.51 -13.50 -2.15
CA GLU A 99 6.96 -14.81 -1.69
C GLU A 99 8.41 -15.14 -2.10
N ASP A 100 8.95 -14.43 -3.10
CA ASP A 100 10.36 -14.50 -3.51
C ASP A 100 11.34 -13.72 -2.66
N TYR A 101 10.86 -12.98 -1.67
CA TYR A 101 11.78 -12.06 -1.04
C TYR A 101 12.63 -12.76 -0.02
N ARG A 102 13.95 -12.57 -0.11
CA ARG A 102 14.83 -13.26 0.85
C ARG A 102 15.77 -12.35 1.60
N GLY A 103 15.53 -11.05 1.53
CA GLY A 103 16.26 -10.12 2.35
C GLY A 103 15.93 -10.10 3.83
N ASN A 104 16.60 -9.20 4.54
CA ASN A 104 16.45 -9.02 5.99
C ASN A 104 15.42 -7.96 6.20
N LEU A 105 14.24 -8.28 6.75
CA LEU A 105 13.18 -7.28 6.80
C LEU A 105 13.66 -6.09 7.63
N GLY A 106 13.40 -4.88 7.19
CA GLY A 106 13.63 -3.69 8.02
C GLY A 106 12.80 -2.51 7.54
N VAL A 107 12.96 -1.36 8.21
CA VAL A 107 12.38 -0.09 7.80
C VAL A 107 13.49 0.95 7.72
N VAL A 108 13.27 1.99 6.94
CA VAL A 108 14.10 3.17 6.99
C VAL A 108 13.33 4.14 7.83
N LEU A 109 13.99 4.70 8.85
CA LEU A 109 13.35 5.72 9.71
C LEU A 109 13.96 7.03 9.43
N PHE A 110 13.15 8.10 9.39
CA PHE A 110 13.65 9.43 9.04
C PHE A 110 13.34 10.29 10.26
N ASN A 111 14.33 10.95 10.84
CA ASN A 111 14.16 11.73 12.06
C ASN A 111 14.07 13.19 11.68
N HIS A 112 12.89 13.79 11.68
CA HIS A 112 12.85 15.20 11.28
C HIS A 112 13.04 16.14 12.45
N SER A 113 13.34 15.62 13.63
CA SER A 113 13.51 16.53 14.77
C SER A 113 14.95 16.93 14.98
N ASP A 114 15.19 17.78 15.97
CA ASP A 114 16.56 18.17 16.23
C ASP A 114 17.24 17.33 17.30
N VAL A 115 16.62 16.25 17.76
CA VAL A 115 17.23 15.38 18.80
C VAL A 115 17.34 13.98 18.23
N ASP A 116 18.46 13.30 18.46
CA ASP A 116 18.66 11.96 17.94
C ASP A 116 17.62 11.02 18.53
N PHE A 117 17.24 9.94 17.82
CA PHE A 117 16.21 9.07 18.38
C PHE A 117 16.82 7.71 18.55
N GLU A 118 16.70 7.12 19.73
CA GLU A 118 17.29 5.80 19.97
C GLU A 118 16.25 4.72 19.85
N VAL A 119 16.46 3.79 18.91
CA VAL A 119 15.53 2.65 18.79
C VAL A 119 16.28 1.57 19.58
N LYS A 120 15.63 0.91 20.54
CA LYS A 120 16.32 -0.06 21.39
C LYS A 120 16.09 -1.44 20.84
N HIS A 121 16.99 -2.36 21.12
CA HIS A 121 16.76 -3.77 20.77
C HIS A 121 15.40 -4.12 21.34
N GLY A 122 14.51 -4.62 20.49
CA GLY A 122 13.21 -5.08 20.95
C GLY A 122 12.06 -4.12 20.76
N ASP A 123 12.33 -2.87 20.38
CA ASP A 123 11.24 -1.91 20.18
C ASP A 123 10.41 -2.34 18.97
N ARG A 124 9.09 -2.26 19.08
CA ARG A 124 8.23 -2.43 17.93
C ARG A 124 8.49 -1.31 16.92
N ILE A 125 8.73 -1.67 15.67
CA ILE A 125 9.00 -0.70 14.58
C ILE A 125 8.00 -0.68 13.40
N ALA A 126 7.18 -1.71 13.25
CA ALA A 126 6.21 -1.80 12.15
C ALA A 126 5.30 -2.96 12.41
N GLN A 127 4.14 -3.03 11.74
CA GLN A 127 3.47 -4.31 11.62
C GLN A 127 3.51 -4.92 10.26
N PHE A 128 3.52 -6.24 10.25
CA PHE A 128 3.68 -6.96 9.02
C PHE A 128 2.33 -7.50 8.75
N ILE A 129 1.66 -7.03 7.68
CA ILE A 129 0.27 -7.46 7.39
C ILE A 129 0.26 -8.28 6.15
N CYS A 130 -0.35 -9.47 6.24
CA CYS A 130 -0.51 -10.35 5.06
C CYS A 130 -1.77 -9.92 4.28
N GLU A 131 -1.62 -9.88 2.96
CA GLU A 131 -2.68 -9.39 2.09
C GLU A 131 -2.71 -10.22 0.84
N ARG A 132 -3.89 -10.33 0.24
CA ARG A 132 -4.01 -11.01 -1.04
C ARG A 132 -4.83 -10.11 -1.92
N ILE A 133 -4.59 -10.19 -3.22
CA ILE A 133 -5.39 -9.52 -4.24
C ILE A 133 -6.55 -10.46 -4.52
N PHE A 134 -7.75 -9.91 -4.67
CA PHE A 134 -8.79 -10.77 -5.13
C PHE A 134 -9.59 -10.11 -6.26
N TYR A 135 -10.45 -10.91 -6.88
CA TYR A 135 -11.17 -10.52 -8.15
C TYR A 135 -12.67 -10.66 -7.91
N PRO A 136 -13.26 -9.61 -7.36
CA PRO A 136 -14.69 -9.73 -7.14
C PRO A 136 -15.48 -9.58 -8.45
N GLN A 137 -16.76 -9.91 -8.38
CA GLN A 137 -17.69 -9.66 -9.46
C GLN A 137 -17.71 -8.12 -9.59
N LEU A 138 -17.78 -7.60 -10.81
CA LEU A 138 -17.80 -6.17 -11.07
C LEU A 138 -19.15 -5.70 -11.63
N VAL A 139 -19.81 -4.67 -11.03
CA VAL A 139 -20.97 -4.07 -11.68
C VAL A 139 -20.95 -2.58 -11.54
N MET A 140 -21.69 -1.91 -12.43
CA MET A 140 -22.08 -0.49 -12.23
C MET A 140 -23.46 -0.46 -11.57
N VAL A 141 -23.68 0.53 -10.69
CA VAL A 141 -25.01 0.78 -10.08
C VAL A 141 -25.37 2.23 -10.30
N ASP A 142 -26.65 2.54 -10.13
CA ASP A 142 -27.16 3.90 -10.29
C ASP A 142 -26.55 4.81 -9.18
N LYS A 143 -26.69 4.37 -7.93
CA LYS A 143 -26.17 5.09 -6.79
C LYS A 143 -25.91 4.05 -5.72
N LEU A 144 -25.05 4.36 -4.77
CA LEU A 144 -24.75 3.44 -3.66
C LEU A 144 -25.86 3.52 -2.58
N THR B 19 -22.41 -12.85 -1.16
CA THR B 19 -22.00 -12.14 -2.41
C THR B 19 -20.71 -11.32 -2.23
N CYS B 20 -19.82 -11.45 -3.20
CA CYS B 20 -18.59 -10.67 -3.22
C CYS B 20 -18.57 -9.82 -4.50
N VAL B 21 -19.07 -8.59 -4.37
CA VAL B 21 -19.35 -7.71 -5.49
C VAL B 21 -18.71 -6.35 -5.30
N LEU B 22 -17.93 -5.92 -6.29
CA LEU B 22 -17.42 -4.59 -6.39
C LEU B 22 -18.35 -3.71 -7.23
N ARG B 23 -18.87 -2.62 -6.66
CA ARG B 23 -19.78 -1.69 -7.36
C ARG B 23 -19.18 -0.31 -7.59
N PHE B 24 -19.35 0.23 -8.79
CA PHE B 24 -19.12 1.62 -9.08
C PHE B 24 -20.38 2.34 -9.52
N ALA B 25 -20.44 3.63 -9.21
CA ALA B 25 -21.58 4.46 -9.57
C ALA B 25 -21.11 5.78 -10.12
N LYS B 26 -21.59 6.12 -11.31
CA LYS B 26 -21.20 7.35 -11.98
C LYS B 26 -21.85 8.55 -11.26
N LEU B 27 -21.05 9.55 -10.95
CA LEU B 27 -21.59 10.80 -10.36
C LEU B 27 -22.11 11.78 -11.42
N THR B 28 -21.51 11.74 -12.60
CA THR B 28 -21.91 12.55 -13.75
C THR B 28 -21.76 11.71 -15.06
N GLU B 29 -22.21 12.27 -16.18
CA GLU B 29 -22.07 11.60 -17.50
C GLU B 29 -20.64 11.47 -17.97
N ASN B 30 -19.75 12.16 -17.29
CA ASN B 30 -18.36 12.21 -17.73
C ASN B 30 -17.53 11.04 -17.27
N ALA B 31 -18.04 10.28 -16.30
CA ALA B 31 -17.25 9.13 -15.77
C ALA B 31 -17.25 8.03 -16.79
N LEU B 32 -16.19 7.25 -16.80
CA LEU B 32 -16.11 6.06 -17.66
C LEU B 32 -16.18 4.80 -16.79
N GLU B 33 -16.72 3.73 -17.34
CA GLU B 33 -16.72 2.43 -16.68
C GLU B 33 -15.28 1.92 -16.47
N PRO B 34 -14.95 1.38 -15.28
CA PRO B 34 -13.68 0.69 -15.08
C PRO B 34 -13.65 -0.75 -15.59
N VAL B 35 -12.67 -1.03 -16.44
CA VAL B 35 -12.48 -2.35 -17.07
C VAL B 35 -10.98 -2.74 -16.91
N ARG B 36 -10.73 -4.04 -16.84
CA ARG B 36 -9.38 -4.62 -16.81
C ARG B 36 -8.58 -4.25 -18.08
N GLY B 37 -7.33 -3.83 -17.90
CA GLY B 37 -6.41 -3.55 -18.99
C GLY B 37 -5.81 -4.76 -19.73
N SER B 38 -5.59 -5.84 -18.98
CA SER B 38 -4.94 -7.04 -19.50
C SER B 38 -5.72 -8.22 -18.94
N ALA B 39 -5.68 -9.33 -19.67
CA ALA B 39 -6.14 -10.62 -19.15
C ALA B 39 -5.57 -10.87 -17.76
N LYS B 40 -4.30 -10.50 -17.54
CA LYS B 40 -3.62 -10.79 -16.27
C LYS B 40 -3.48 -9.62 -15.28
N ALA B 41 -4.03 -8.44 -15.58
CA ALA B 41 -3.95 -7.29 -14.69
C ALA B 41 -4.46 -7.57 -13.27
N ALA B 42 -3.97 -6.82 -12.26
CA ALA B 42 -4.34 -7.11 -10.89
C ALA B 42 -5.71 -6.52 -10.51
N GLY B 43 -6.15 -5.52 -11.30
CA GLY B 43 -7.35 -4.75 -11.00
C GLY B 43 -7.93 -4.12 -12.26
N VAL B 44 -8.74 -3.08 -12.10
CA VAL B 44 -9.37 -2.47 -13.27
C VAL B 44 -8.82 -1.08 -13.37
N ASP B 45 -8.71 -0.53 -14.58
CA ASP B 45 -8.16 0.80 -14.71
C ASP B 45 -9.20 1.89 -14.55
N LEU B 46 -8.79 2.90 -13.83
CA LEU B 46 -9.60 4.08 -13.64
C LEU B 46 -9.23 5.12 -14.69
N ARG B 47 -10.23 5.83 -15.22
CA ARG B 47 -10.03 6.76 -16.30
C ARG B 47 -10.48 8.17 -15.89
N SER B 48 -9.80 9.16 -16.46
CA SER B 48 -10.11 10.58 -16.18
C SER B 48 -11.45 11.01 -16.78
N ALA B 49 -12.34 11.53 -15.95
CA ALA B 49 -13.62 12.11 -16.43
C ALA B 49 -13.45 13.40 -17.25
N TYR B 50 -12.40 14.17 -16.96
CA TYR B 50 -12.23 15.48 -17.59
C TYR B 50 -10.88 15.63 -18.23
N ASP B 51 -10.78 16.61 -19.13
CA ASP B 51 -9.47 16.97 -19.66
CA ASP B 51 -9.47 16.99 -19.67
C ASP B 51 -8.88 17.88 -18.59
N VAL B 52 -7.72 17.49 -18.05
CA VAL B 52 -7.09 18.22 -16.93
C VAL B 52 -5.66 18.54 -17.32
N VAL B 53 -5.31 19.81 -17.22
CA VAL B 53 -3.90 20.21 -17.42
C VAL B 53 -3.20 20.24 -16.06
N VAL B 54 -2.13 19.48 -15.92
CA VAL B 54 -1.29 19.56 -14.73
C VAL B 54 -0.16 20.52 -15.03
N PRO B 55 -0.13 21.74 -14.42
CA PRO B 55 0.89 22.71 -14.88
C PRO B 55 2.28 22.24 -14.62
N ALA B 56 3.23 22.76 -15.40
CA ALA B 56 4.61 22.48 -15.16
C ALA B 56 4.97 22.77 -13.68
N ARG B 57 5.65 21.82 -13.05
CA ARG B 57 6.15 21.99 -11.65
CA ARG B 57 6.12 21.91 -11.65
C ARG B 57 4.99 22.14 -10.64
N GLY B 58 3.78 21.81 -11.07
CA GLY B 58 2.56 21.97 -10.24
C GLY B 58 1.88 20.64 -9.99
N LYS B 59 0.63 20.67 -9.51
CA LYS B 59 -0.11 19.43 -9.30
C LYS B 59 -1.59 19.67 -9.53
N ALA B 60 -2.35 18.58 -9.62
CA ALA B 60 -3.77 18.66 -9.94
C ALA B 60 -4.49 17.44 -9.36
N ILE B 61 -5.73 17.59 -8.88
CA ILE B 61 -6.46 16.36 -8.53
C ILE B 61 -7.23 16.02 -9.79
N VAL B 62 -7.22 14.75 -10.15
CA VAL B 62 -7.86 14.26 -11.38
C VAL B 62 -8.95 13.28 -10.96
N LYS B 63 -10.20 13.66 -11.21
CA LYS B 63 -11.31 12.92 -10.70
C LYS B 63 -11.81 11.92 -11.73
N THR B 64 -12.36 10.80 -11.27
CA THR B 64 -13.03 9.87 -12.17
C THR B 64 -14.52 10.12 -12.22
N ASP B 65 -15.07 10.90 -11.29
CA ASP B 65 -16.57 11.02 -11.14
C ASP B 65 -17.27 9.67 -10.90
N LEU B 66 -16.52 8.73 -10.31
CA LEU B 66 -17.02 7.46 -9.81
C LEU B 66 -16.99 7.45 -8.30
N GLN B 67 -18.09 6.99 -7.68
CA GLN B 67 -18.06 6.48 -6.32
C GLN B 67 -17.90 4.97 -6.40
N VAL B 68 -17.36 4.38 -5.34
CA VAL B 68 -17.10 2.93 -5.30
C VAL B 68 -17.52 2.36 -3.95
N GLN B 69 -18.07 1.15 -4.03
CA GLN B 69 -18.34 0.38 -2.84
C GLN B 69 -17.63 -0.92 -3.00
N VAL B 70 -16.53 -1.07 -2.25
CA VAL B 70 -15.72 -2.28 -2.26
C VAL B 70 -16.49 -3.31 -1.48
N PRO B 71 -16.20 -4.59 -1.74
CA PRO B 71 -16.84 -5.65 -0.96
C PRO B 71 -16.61 -5.50 0.58
N GLU B 72 -17.60 -5.93 1.37
CA GLU B 72 -17.54 -5.84 2.82
C GLU B 72 -16.28 -6.51 3.30
N GLY B 73 -15.61 -5.88 4.28
CA GLY B 73 -14.36 -6.42 4.81
C GLY B 73 -13.15 -6.31 3.89
N SER B 74 -13.25 -5.61 2.78
CA SER B 74 -12.06 -5.46 1.91
C SER B 74 -11.66 -4.01 1.70
N TYR B 75 -10.53 -3.81 0.98
CA TYR B 75 -9.92 -2.51 0.70
C TYR B 75 -9.66 -2.39 -0.80
N GLY B 76 -9.79 -1.19 -1.31
CA GLY B 76 -9.40 -0.89 -2.69
C GLY B 76 -8.27 0.08 -2.70
N ARG B 77 -7.22 -0.28 -3.43
CA ARG B 77 -6.02 0.48 -3.46
C ARG B 77 -5.90 1.06 -4.86
N VAL B 78 -5.68 2.35 -4.87
CA VAL B 78 -5.51 3.09 -6.09
C VAL B 78 -4.04 3.15 -6.39
N ALA B 79 -3.61 2.41 -7.42
CA ALA B 79 -2.26 2.24 -7.72
C ALA B 79 -1.96 2.90 -9.10
N PRO B 80 -0.78 3.55 -9.26
CA PRO B 80 -0.19 3.88 -10.56
C PRO B 80 -0.58 2.86 -11.65
N ARG B 81 -0.92 3.37 -12.84
CA ARG B 81 -1.60 2.61 -13.91
C ARG B 81 -1.01 1.23 -14.30
N PHE B 89 9.03 12.94 -14.38
CA PHE B 89 7.78 13.00 -15.15
C PHE B 89 6.58 13.18 -14.19
N ILE B 90 5.55 12.34 -14.34
CA ILE B 90 4.26 12.48 -13.65
C ILE B 90 4.06 11.45 -12.49
N ASP B 91 4.32 11.87 -11.24
CA ASP B 91 4.02 11.09 -10.02
C ASP B 91 2.52 11.08 -9.65
N VAL B 92 1.94 9.87 -9.50
CA VAL B 92 0.58 9.71 -8.91
C VAL B 92 0.62 9.55 -7.37
N GLY B 93 -0.27 10.23 -6.63
CA GLY B 93 -0.55 9.85 -5.23
C GLY B 93 -1.98 9.25 -5.25
N ALA B 94 -2.20 7.98 -4.85
CA ALA B 94 -1.51 7.10 -3.87
C ALA B 94 -2.49 7.02 -2.66
N GLY B 95 -3.45 6.09 -2.70
CA GLY B 95 -4.60 6.03 -1.82
C GLY B 95 -5.25 4.65 -1.64
N VAL B 96 -5.88 4.44 -0.49
CA VAL B 96 -6.55 3.17 -0.22
C VAL B 96 -7.91 3.53 0.33
N VAL B 97 -8.94 2.75 0.01
CA VAL B 97 -10.29 3.09 0.49
C VAL B 97 -10.88 1.87 1.14
N ASP B 98 -11.83 2.08 2.03
CA ASP B 98 -12.58 0.98 2.57
C ASP B 98 -14.07 1.07 2.20
N GLU B 99 -14.88 0.14 2.70
CA GLU B 99 -16.27 0.01 2.28
C GLU B 99 -17.13 1.21 2.70
N ASP B 100 -16.61 2.09 3.56
CA ASP B 100 -17.37 3.28 3.99
C ASP B 100 -17.14 4.46 3.07
N TYR B 101 -16.18 4.33 2.18
CA TYR B 101 -15.83 5.48 1.37
C TYR B 101 -16.89 5.88 0.35
N ARG B 102 -17.28 7.14 0.39
CA ARG B 102 -18.30 7.65 -0.54
C ARG B 102 -17.87 8.87 -1.33
N GLY B 103 -16.58 9.16 -1.32
CA GLY B 103 -16.15 10.21 -2.16
C GLY B 103 -16.01 9.87 -3.63
N ASN B 104 -15.60 10.87 -4.39
CA ASN B 104 -15.37 10.75 -5.84
C ASN B 104 -13.93 10.28 -6.08
N LEU B 105 -13.74 9.02 -6.51
CA LEU B 105 -12.38 8.48 -6.65
C LEU B 105 -11.55 9.38 -7.55
N GLY B 106 -10.34 9.75 -7.13
CA GLY B 106 -9.38 10.42 -8.03
C GLY B 106 -7.95 10.16 -7.61
N VAL B 107 -6.99 10.70 -8.36
CA VAL B 107 -5.56 10.77 -7.97
C VAL B 107 -5.06 12.20 -7.97
N VAL B 108 -4.01 12.45 -7.20
CA VAL B 108 -3.29 13.68 -7.28
C VAL B 108 -2.08 13.45 -8.13
N LEU B 109 -1.96 14.25 -9.20
CA LEU B 109 -0.85 14.03 -10.11
C LEU B 109 0.09 15.16 -9.91
N PHE B 110 1.39 14.85 -9.89
CA PHE B 110 2.44 15.81 -9.65
C PHE B 110 3.29 15.87 -10.89
N ASN B 111 3.46 17.05 -11.46
CA ASN B 111 4.22 17.24 -12.70
C ASN B 111 5.62 17.80 -12.42
N HIS B 112 6.64 16.96 -12.46
CA HIS B 112 7.97 17.45 -12.12
C HIS B 112 8.68 18.11 -13.26
N SER B 113 8.07 18.14 -14.43
CA SER B 113 8.79 18.60 -15.60
C SER B 113 8.56 20.08 -15.87
N ASP B 114 9.22 20.64 -16.87
CA ASP B 114 8.92 22.04 -17.16
C ASP B 114 7.82 22.20 -18.21
N VAL B 115 7.07 21.16 -18.56
CA VAL B 115 6.00 21.29 -19.59
C VAL B 115 4.75 20.79 -19.00
N ASP B 116 3.64 21.53 -19.21
CA ASP B 116 2.32 21.15 -18.72
C ASP B 116 1.96 19.82 -19.29
N PHE B 117 1.20 19.03 -18.53
CA PHE B 117 0.78 17.72 -18.97
C PHE B 117 -0.74 17.73 -19.08
N GLU B 118 -1.22 17.36 -20.24
CA GLU B 118 -2.65 17.25 -20.43
C GLU B 118 -3.17 15.83 -20.21
N VAL B 119 -4.07 15.66 -19.25
CA VAL B 119 -4.69 14.34 -19.05
C VAL B 119 -5.98 14.51 -19.85
N LYS B 120 -6.27 13.63 -20.81
CA LYS B 120 -7.48 13.77 -21.61
C LYS B 120 -8.63 12.98 -20.99
N HIS B 121 -9.87 13.37 -21.23
CA HIS B 121 -11.01 12.57 -20.81
C HIS B 121 -10.74 11.17 -21.36
N GLY B 122 -10.90 10.14 -20.50
CA GLY B 122 -10.74 8.75 -20.99
C GLY B 122 -9.39 8.15 -20.68
N ASP B 123 -8.37 8.98 -20.41
CA ASP B 123 -7.03 8.45 -20.17
C ASP B 123 -6.99 7.57 -18.95
N ARG B 124 -6.24 6.47 -19.00
CA ARG B 124 -6.00 5.66 -17.82
CA ARG B 124 -6.03 5.68 -17.80
C ARG B 124 -5.11 6.42 -16.83
N ILE B 125 -5.56 6.56 -15.59
CA ILE B 125 -4.77 7.33 -14.61
C ILE B 125 -4.31 6.49 -13.44
N ALA B 126 -4.89 5.31 -13.29
CA ALA B 126 -4.55 4.46 -12.18
C ALA B 126 -5.22 3.14 -12.35
N GLN B 127 -4.74 2.14 -11.62
CA GLN B 127 -5.56 0.98 -11.43
C GLN B 127 -6.06 0.76 -10.03
N PHE B 128 -7.23 0.15 -9.94
CA PHE B 128 -7.91 -0.02 -8.69
C PHE B 128 -7.83 -1.49 -8.32
N ILE B 129 -7.11 -1.81 -7.25
CA ILE B 129 -6.90 -3.24 -6.87
C ILE B 129 -7.62 -3.57 -5.60
N CYS B 130 -8.47 -4.59 -5.64
CA CYS B 130 -9.13 -5.08 -4.43
C CYS B 130 -8.20 -6.00 -3.65
N GLU B 131 -8.18 -5.80 -2.35
CA GLU B 131 -7.31 -6.56 -1.50
C GLU B 131 -8.01 -6.88 -0.21
N ARG B 132 -7.60 -7.99 0.38
CA ARG B 132 -8.02 -8.15 1.75
C ARG B 132 -6.94 -8.73 2.59
N ILE B 133 -6.97 -8.34 3.86
CA ILE B 133 -6.08 -8.81 4.92
C ILE B 133 -6.44 -10.21 5.26
N PHE B 134 -5.43 -11.07 5.41
CA PHE B 134 -5.72 -12.36 5.96
C PHE B 134 -4.75 -12.75 7.07
N TYR B 135 -5.12 -13.82 7.79
CA TYR B 135 -4.46 -14.24 9.01
C TYR B 135 -3.97 -15.67 8.84
N PRO B 136 -2.76 -15.82 8.30
CA PRO B 136 -2.33 -17.20 8.14
C PRO B 136 -1.81 -17.80 9.45
N GLN B 137 -1.50 -19.09 9.42
CA GLN B 137 -0.84 -19.73 10.53
C GLN B 137 0.56 -19.10 10.55
N LEU B 138 1.13 -18.92 11.73
CA LEU B 138 2.48 -18.32 11.88
C LEU B 138 3.47 -19.30 12.49
N VAL B 139 4.67 -19.49 11.92
CA VAL B 139 5.70 -20.30 12.57
C VAL B 139 7.00 -19.63 12.37
N MET B 140 7.96 -19.97 13.22
CA MET B 140 9.38 -19.69 12.95
C MET B 140 10.00 -20.92 12.31
N VAL B 141 11.04 -20.70 11.49
CA VAL B 141 11.80 -21.79 10.91
C VAL B 141 13.27 -21.50 11.07
N ASP B 142 14.05 -22.56 10.90
CA ASP B 142 15.50 -22.45 11.02
C ASP B 142 16.03 -21.55 9.89
N LYS B 143 15.67 -21.89 8.66
CA LYS B 143 16.15 -21.16 7.50
C LYS B 143 15.08 -21.27 6.42
N LEU B 144 15.02 -20.22 5.60
CA LEU B 144 14.13 -20.03 4.39
C LEU B 144 13.19 -18.75 4.34
#